data_6QRG
#
_entry.id   6QRG
#
_cell.length_a   74.273
_cell.length_b   77.867
_cell.length_c   86.490
_cell.angle_alpha   90.000
_cell.angle_beta   90.000
_cell.angle_gamma   90.000
#
_symmetry.space_group_name_H-M   'P 21 21 21'
#
loop_
_entity.id
_entity.type
_entity.pdbx_description
1 polymer 'tRNA (guanine-N(1)-)-methyltransferase'
2 non-polymer '[3-(2-methoxy-2-oxidanylidene-ethoxy)phenyl]methyl 1~{H}-pyrazole-4-carboxylate'
3 non-polymer 'SULFATE ION'
4 water water
#
_entity_poly.entity_id   1
_entity_poly.type   'polypeptide(L)'
_entity_poly.pdbx_seq_one_letter_code
;GSMKIDVVTIFPEYLQPVRQSLPGKAIDAGLVDVAVHDLRRWTHDVHKSVDDSPYGGGPGMVMKPTVWGDALDEICTSET
LLVVPTPAGYPFTQETAWQWSTEDHLVIACGRYEGIDQRVADDAATRMRVREVSIGDYVLNGGEAAALVIIEAVLRLVPG
VLGNALSAQEDSHSEGMASLLEGPSYTRPPSWRGMDVPPVLLSGDHAKIAAWRAEQSRQRTIERRPDLLGFDSPTGEHGG
DGLS
;
_entity_poly.pdbx_strand_id   A,B
#
# COMPACT_ATOMS: atom_id res chain seq x y z
N SER A 2 -21.94 7.39 5.22
CA SER A 2 -21.41 8.07 6.41
C SER A 2 -20.51 7.14 7.23
N MET A 3 -19.21 7.43 7.22
CA MET A 3 -18.24 6.56 7.87
C MET A 3 -17.26 7.32 8.76
N LYS A 4 -17.01 6.79 9.95
CA LYS A 4 -15.97 7.32 10.84
C LYS A 4 -14.79 6.38 10.80
N ILE A 5 -13.60 6.94 10.61
CA ILE A 5 -12.37 6.16 10.62
C ILE A 5 -11.46 6.69 11.72
N ASP A 6 -11.11 5.83 12.68
CA ASP A 6 -10.07 6.18 13.66
C ASP A 6 -8.81 5.38 13.35
N VAL A 7 -7.66 6.06 13.32
CA VAL A 7 -6.38 5.38 13.14
C VAL A 7 -5.54 5.54 14.41
N VAL A 8 -4.95 4.44 14.88
CA VAL A 8 -4.10 4.52 16.08
C VAL A 8 -2.69 4.13 15.68
N THR A 9 -1.73 4.98 16.03
CA THR A 9 -0.37 4.82 15.52
C THR A 9 0.62 5.55 16.41
N ILE A 10 1.88 5.12 16.44
CA ILE A 10 2.88 5.92 17.12
C ILE A 10 3.45 7.00 16.19
N PHE A 11 3.04 7.01 14.93
CA PHE A 11 3.41 8.09 14.01
C PHE A 11 2.20 8.82 13.42
N PRO A 12 1.50 9.62 14.24
CA PRO A 12 0.27 10.25 13.74
C PRO A 12 0.50 11.24 12.58
N GLU A 13 1.68 11.83 12.49
CA GLU A 13 1.94 12.80 11.42
C GLU A 13 1.91 12.11 10.05
N TYR A 14 2.18 10.81 10.03
CA TYR A 14 2.20 10.02 8.81
C TYR A 14 0.83 10.03 8.13
N LEU A 15 -0.23 10.15 8.91
CA LEU A 15 -1.57 10.05 8.39
C LEU A 15 -2.14 11.39 7.94
N GLN A 16 -1.40 12.48 8.14
CA GLN A 16 -1.92 13.80 7.78
C GLN A 16 -2.25 14.04 6.29
N PRO A 17 -1.56 13.36 5.34
CA PRO A 17 -1.97 13.50 3.94
C PRO A 17 -3.44 13.15 3.67
N VAL A 18 -3.92 12.00 4.15
CA VAL A 18 -5.31 11.64 3.87
C VAL A 18 -6.26 12.62 4.53
N ARG A 19 -5.90 13.10 5.72
CA ARG A 19 -6.68 14.11 6.43
C ARG A 19 -6.87 15.35 5.57
N GLN A 20 -5.92 15.60 4.67
CA GLN A 20 -6.00 16.74 3.75
C GLN A 20 -6.45 16.33 2.36
N SER A 21 -6.54 15.03 2.10
CA SER A 21 -7.03 14.54 0.81
C SER A 21 -8.57 14.55 0.76
N LEU A 22 -9.20 14.93 1.87
CA LEU A 22 -10.66 14.90 2.00
C LEU A 22 -11.30 16.22 1.58
N PRO A 23 -12.13 16.18 0.52
CA PRO A 23 -12.93 17.34 0.12
C PRO A 23 -13.76 17.89 1.26
N GLY A 24 -13.76 19.21 1.42
CA GLY A 24 -14.50 19.86 2.48
C GLY A 24 -15.97 19.50 2.45
N LYS A 25 -16.51 19.33 1.24
CA LYS A 25 -17.92 19.03 1.03
C LYS A 25 -18.35 17.70 1.68
N ALA A 26 -17.50 16.68 1.61
CA ALA A 26 -17.84 15.39 2.17
C ALA A 26 -17.77 15.43 3.71
N ILE A 27 -16.90 16.27 4.24
CA ILE A 27 -16.81 16.43 5.69
C ILE A 27 -18.03 17.20 6.23
N ASP A 28 -18.41 18.27 5.55
CA ASP A 28 -19.53 19.10 5.98
C ASP A 28 -20.87 18.44 5.75
N ALA A 29 -20.93 17.52 4.79
CA ALA A 29 -22.13 16.72 4.57
C ALA A 29 -22.21 15.57 5.57
N GLY A 30 -21.20 15.46 6.44
CA GLY A 30 -21.15 14.42 7.45
C GLY A 30 -21.00 13.04 6.86
N LEU A 31 -20.42 12.97 5.67
CA LEU A 31 -20.21 11.70 4.99
C LEU A 31 -19.00 10.95 5.55
N VAL A 32 -17.99 11.70 6.00
CA VAL A 32 -16.76 11.05 6.44
C VAL A 32 -16.04 11.86 7.52
N ASP A 33 -15.45 11.16 8.47
CA ASP A 33 -14.57 11.76 9.45
C ASP A 33 -13.40 10.80 9.67
N VAL A 34 -12.18 11.33 9.59
CA VAL A 34 -10.99 10.52 9.82
C VAL A 34 -10.21 11.15 10.97
N ALA A 35 -10.06 10.42 12.05
CA ALA A 35 -9.34 10.91 13.21
C ALA A 35 -8.09 10.07 13.43
N VAL A 36 -6.99 10.72 13.81
CA VAL A 36 -5.76 9.99 14.08
C VAL A 36 -5.38 10.13 15.55
N HIS A 37 -4.99 9.03 16.18
CA HIS A 37 -4.68 9.06 17.60
C HIS A 37 -3.25 8.56 17.85
N ASP A 38 -2.52 9.31 18.66
CA ASP A 38 -1.18 8.89 19.07
C ASP A 38 -1.29 7.79 20.13
N LEU A 39 -0.74 6.61 19.83
CA LEU A 39 -0.81 5.47 20.75
C LEU A 39 -0.19 5.79 22.11
N ARG A 40 0.76 6.71 22.15
CA ARG A 40 1.46 7.00 23.40
C ARG A 40 0.56 7.68 24.43
N ARG A 41 -0.60 8.14 23.99
CA ARG A 41 -1.60 8.70 24.91
C ARG A 41 -2.02 7.66 25.95
N TRP A 42 -1.89 6.37 25.61
CA TRP A 42 -2.32 5.30 26.51
C TRP A 42 -1.16 4.52 27.15
N THR A 43 0.05 5.06 27.11
CA THR A 43 1.19 4.43 27.81
C THR A 43 1.01 4.75 29.31
N HIS A 44 1.61 3.98 30.20
CA HIS A 44 1.29 4.36 31.53
C HIS A 44 2.56 4.54 32.38
N ASP A 45 3.73 4.52 31.74
CA ASP A 45 4.99 4.87 32.40
C ASP A 45 5.54 6.20 31.88
N VAL A 46 6.48 6.78 32.61
CA VAL A 46 6.99 8.10 32.25
C VAL A 46 7.82 8.04 30.96
N HIS A 47 8.35 6.86 30.63
CA HIS A 47 9.13 6.67 29.40
C HIS A 47 8.24 6.41 28.17
N LYS A 48 6.93 6.39 28.37
CA LYS A 48 5.96 6.19 27.29
C LYS A 48 6.25 4.96 26.44
N SER A 49 6.46 3.83 27.11
CA SER A 49 6.85 2.58 26.45
C SER A 49 5.70 1.95 25.70
N VAL A 50 5.93 1.55 24.46
CA VAL A 50 4.88 0.89 23.69
C VAL A 50 5.25 -0.53 23.30
N ASP A 51 6.49 -0.94 23.57
CA ASP A 51 6.92 -2.29 23.20
C ASP A 51 7.85 -2.89 24.23
N ASP A 52 8.16 -4.16 24.04
CA ASP A 52 8.89 -4.96 25.02
C ASP A 52 9.42 -6.21 24.31
N SER A 53 10.31 -6.94 24.96
CA SER A 53 10.93 -8.11 24.34
C SER A 53 9.97 -9.29 24.20
N PRO A 54 10.12 -10.07 23.13
CA PRO A 54 9.19 -11.17 22.87
C PRO A 54 9.42 -12.35 23.80
N TYR A 55 8.35 -12.95 24.32
CA TYR A 55 8.49 -14.21 25.03
C TYR A 55 8.99 -15.26 24.05
N GLY A 56 9.83 -16.17 24.54
CA GLY A 56 10.35 -17.22 23.68
C GLY A 56 11.57 -16.70 22.96
N GLY A 57 12.01 -15.51 23.36
CA GLY A 57 13.25 -14.93 22.87
C GLY A 57 13.17 -14.53 21.42
N GLY A 58 14.32 -14.12 20.89
CA GLY A 58 14.41 -13.72 19.49
C GLY A 58 14.57 -12.22 19.35
N PRO A 59 15.14 -11.78 18.23
CA PRO A 59 15.25 -10.36 17.93
C PRO A 59 13.90 -9.78 17.60
N GLY A 60 13.77 -8.46 17.68
CA GLY A 60 12.50 -7.78 17.44
C GLY A 60 11.85 -7.36 18.74
N MET A 61 10.96 -6.38 18.69
CA MET A 61 10.17 -5.99 19.85
C MET A 61 8.70 -6.22 19.53
N VAL A 62 7.89 -6.45 20.57
CA VAL A 62 6.46 -6.73 20.43
C VAL A 62 5.67 -5.62 21.13
N MET A 63 4.60 -5.13 20.50
CA MET A 63 3.88 -4.03 21.15
C MET A 63 3.06 -4.54 22.32
N LYS A 64 3.07 -3.77 23.40
CA LYS A 64 2.50 -4.16 24.69
C LYS A 64 0.98 -4.27 24.64
N PRO A 65 0.44 -5.38 25.18
CA PRO A 65 -1.02 -5.55 25.20
C PRO A 65 -1.71 -4.56 26.14
N THR A 66 -1.06 -4.18 27.23
CA THR A 66 -1.70 -3.28 28.20
C THR A 66 -1.98 -1.93 27.54
N VAL A 67 -1.05 -1.45 26.73
CA VAL A 67 -1.21 -0.16 26.09
C VAL A 67 -2.29 -0.21 25.02
N TRP A 68 -2.22 -1.19 24.13
CA TRP A 68 -3.19 -1.33 23.05
C TRP A 68 -4.58 -1.62 23.58
N GLY A 69 -4.65 -2.43 24.63
CA GLY A 69 -5.92 -2.75 25.26
C GLY A 69 -6.67 -1.52 25.73
N ASP A 70 -5.96 -0.61 26.40
CA ASP A 70 -6.52 0.66 26.86
C ASP A 70 -6.97 1.52 25.68
N ALA A 71 -6.15 1.58 24.63
CA ALA A 71 -6.49 2.43 23.50
C ALA A 71 -7.76 1.93 22.82
N LEU A 72 -7.83 0.63 22.57
CA LEU A 72 -8.98 0.09 21.84
C LEU A 72 -10.23 0.15 22.69
N ASP A 73 -10.08 0.00 24.00
CA ASP A 73 -11.20 0.11 24.95
C ASP A 73 -11.86 1.47 24.86
N GLU A 74 -11.04 2.51 24.65
CA GLU A 74 -11.58 3.85 24.58
C GLU A 74 -12.20 4.16 23.21
N ILE A 75 -11.58 3.66 22.15
CA ILE A 75 -11.91 4.05 20.78
CA ILE A 75 -11.93 4.05 20.79
C ILE A 75 -12.98 3.14 20.16
N CYS A 76 -12.90 1.85 20.45
CA CYS A 76 -13.83 0.91 19.82
C CYS A 76 -15.16 0.77 20.53
N THR A 77 -16.18 0.39 19.77
CA THR A 77 -17.44 -0.08 20.34
C THR A 77 -17.78 -1.44 19.75
N SER A 78 -18.91 -1.99 20.16
CA SER A 78 -19.32 -3.30 19.63
C SER A 78 -19.60 -3.25 18.12
N GLU A 79 -19.85 -2.06 17.57
CA GLU A 79 -20.17 -1.91 16.15
C GLU A 79 -18.91 -1.71 15.30
N THR A 80 -17.79 -1.47 15.96
CA THR A 80 -16.52 -1.22 15.26
C THR A 80 -16.03 -2.38 14.43
N LEU A 81 -15.53 -2.07 13.24
CA LEU A 81 -14.72 -3.04 12.50
C LEU A 81 -13.25 -2.71 12.75
N LEU A 82 -12.57 -3.59 13.47
CA LEU A 82 -11.17 -3.35 13.84
C LEU A 82 -10.28 -3.95 12.76
N VAL A 83 -9.54 -3.07 12.09
CA VAL A 83 -8.68 -3.46 10.98
C VAL A 83 -7.24 -3.43 11.45
N VAL A 84 -6.53 -4.53 11.28
CA VAL A 84 -5.14 -4.63 11.73
C VAL A 84 -4.26 -5.02 10.55
N PRO A 85 -3.55 -4.06 9.98
CA PRO A 85 -2.70 -4.42 8.84
C PRO A 85 -1.51 -5.23 9.33
N THR A 86 -1.16 -6.26 8.58
CA THR A 86 -0.07 -7.15 8.94
C THR A 86 0.30 -8.04 7.77
N PRO A 87 1.60 -8.31 7.58
CA PRO A 87 2.00 -9.18 6.46
C PRO A 87 1.47 -10.60 6.65
N ALA A 88 1.03 -10.94 7.86
CA ALA A 88 0.47 -12.27 8.14
C ALA A 88 -1.06 -12.31 8.02
N GLY A 89 -1.64 -11.29 7.40
CA GLY A 89 -3.09 -11.17 7.38
C GLY A 89 -3.74 -11.88 6.21
N TYR A 90 -5.06 -11.96 6.25
CA TYR A 90 -5.82 -12.34 5.06
C TYR A 90 -5.59 -11.27 3.99
N PRO A 91 -5.63 -11.66 2.70
CA PRO A 91 -5.41 -10.69 1.61
C PRO A 91 -6.48 -9.61 1.57
N PHE A 92 -6.04 -8.35 1.58
CA PHE A 92 -6.94 -7.21 1.34
C PHE A 92 -7.07 -7.02 -0.16
N THR A 93 -8.29 -7.17 -0.68
CA THR A 93 -8.51 -7.02 -2.11
C THR A 93 -9.60 -6.01 -2.39
N GLN A 94 -9.87 -5.78 -3.67
CA GLN A 94 -10.91 -4.86 -4.06
C GLN A 94 -12.26 -5.31 -3.49
N GLU A 95 -12.47 -6.62 -3.43
CA GLU A 95 -13.73 -7.10 -2.83
C GLU A 95 -13.82 -6.69 -1.36
N THR A 96 -12.71 -6.78 -0.65
CA THR A 96 -12.67 -6.33 0.76
C THR A 96 -13.04 -4.85 0.87
N ALA A 97 -12.43 -4.03 0.02
CA ALA A 97 -12.69 -2.60 0.04
C ALA A 97 -14.18 -2.31 -0.16
N TRP A 98 -14.80 -3.01 -1.11
CA TRP A 98 -16.24 -2.84 -1.36
C TRP A 98 -17.04 -3.18 -0.12
N GLN A 99 -16.71 -4.32 0.49
CA GLN A 99 -17.45 -4.73 1.69
C GLN A 99 -17.32 -3.71 2.83
N TRP A 100 -16.11 -3.22 3.08
CA TRP A 100 -15.90 -2.30 4.19
C TRP A 100 -16.41 -0.92 3.91
N SER A 101 -16.71 -0.61 2.64
CA SER A 101 -17.11 0.74 2.26
C SER A 101 -18.48 1.11 2.84
N THR A 102 -19.23 0.14 3.32
CA THR A 102 -20.54 0.41 3.89
C THR A 102 -20.53 0.36 5.42
N GLU A 103 -19.35 0.17 6.01
CA GLU A 103 -19.20 0.19 7.48
C GLU A 103 -19.39 1.58 8.08
N ASP A 104 -19.92 1.62 9.30
CA ASP A 104 -20.12 2.89 9.99
C ASP A 104 -18.87 3.35 10.75
N HIS A 105 -18.06 2.41 11.21
CA HIS A 105 -16.92 2.76 12.06
C HIS A 105 -15.78 1.78 11.82
N LEU A 106 -14.71 2.26 11.22
CA LEU A 106 -13.48 1.47 11.07
C LEU A 106 -12.45 2.00 12.04
N VAL A 107 -11.76 1.09 12.73
CA VAL A 107 -10.60 1.49 13.52
C VAL A 107 -9.41 0.75 12.96
N ILE A 108 -8.38 1.49 12.57
CA ILE A 108 -7.19 0.85 12.03
C ILE A 108 -6.07 0.93 13.05
N ALA A 109 -5.59 -0.25 13.44
CA ALA A 109 -4.54 -0.34 14.46
C ALA A 109 -3.20 -0.58 13.79
N CYS A 110 -2.35 0.45 13.73
CA CYS A 110 -1.05 0.35 13.10
C CYS A 110 0.03 -0.18 14.03
N GLY A 111 0.47 -1.41 13.78
CA GLY A 111 1.56 -1.99 14.53
C GLY A 111 2.92 -1.67 13.93
N ARG A 112 3.96 -2.09 14.62
CA ARG A 112 5.33 -1.88 14.17
C ARG A 112 6.16 -3.08 14.58
N TYR A 113 7.41 -3.09 14.12
CA TYR A 113 8.38 -4.07 14.56
C TYR A 113 7.86 -5.47 14.30
N GLU A 114 7.92 -6.33 15.32
CA GLU A 114 7.55 -7.73 15.13
C GLU A 114 6.03 -7.90 15.15
N GLY A 115 5.32 -6.93 15.70
CA GLY A 115 3.87 -6.93 15.71
C GLY A 115 3.27 -6.58 17.06
N ILE A 116 1.97 -6.80 17.19
CA ILE A 116 1.22 -6.53 18.43
C ILE A 116 0.99 -7.84 19.15
N ASP A 117 1.16 -7.84 20.48
CA ASP A 117 0.86 -9.01 21.30
C ASP A 117 -0.47 -9.60 20.83
N GLN A 118 -0.47 -10.89 20.52
CA GLN A 118 -1.64 -11.55 19.93
C GLN A 118 -2.91 -11.45 20.77
N ARG A 119 -2.76 -11.30 22.09
CA ARG A 119 -3.93 -11.26 22.97
C ARG A 119 -4.79 -10.05 22.73
N VAL A 120 -4.20 -8.98 22.19
CA VAL A 120 -4.96 -7.78 21.88
C VAL A 120 -6.09 -8.10 20.90
N ALA A 121 -5.73 -8.73 19.78
CA ALA A 121 -6.71 -9.07 18.74
C ALA A 121 -7.66 -10.15 19.25
N ASP A 122 -7.11 -11.15 19.92
CA ASP A 122 -7.94 -12.21 20.53
C ASP A 122 -9.01 -11.64 21.47
N ASP A 123 -8.60 -10.77 22.39
CA ASP A 123 -9.53 -10.10 23.29
C ASP A 123 -10.57 -9.25 22.53
N ALA A 124 -10.09 -8.44 21.60
CA ALA A 124 -11.02 -7.59 20.85
C ALA A 124 -12.06 -8.43 20.11
N ALA A 125 -11.62 -9.58 19.61
CA ALA A 125 -12.50 -10.41 18.80
C ALA A 125 -13.66 -11.01 19.59
N THR A 126 -13.60 -10.93 20.90
CA THR A 126 -14.71 -11.46 21.74
C THR A 126 -15.85 -10.45 21.86
N ARG A 127 -15.64 -9.22 21.40
CA ARG A 127 -16.76 -8.29 21.46
C ARG A 127 -16.91 -7.39 20.23
N MET A 128 -16.05 -7.55 19.24
CA MET A 128 -16.22 -6.83 17.97
C MET A 128 -15.65 -7.63 16.80
N ARG A 129 -15.95 -7.20 15.58
CA ARG A 129 -15.39 -7.82 14.39
C ARG A 129 -13.94 -7.37 14.19
N VAL A 130 -13.03 -8.33 14.04
CA VAL A 130 -11.61 -8.01 13.87
C VAL A 130 -11.11 -8.59 12.54
N ARG A 131 -10.36 -7.79 11.78
CA ARG A 131 -9.84 -8.23 10.48
C ARG A 131 -8.33 -7.97 10.39
N GLU A 132 -7.52 -9.02 10.48
CA GLU A 132 -6.10 -8.90 10.20
C GLU A 132 -5.91 -9.04 8.68
N VAL A 133 -5.31 -8.05 8.04
CA VAL A 133 -5.24 -8.07 6.58
C VAL A 133 -3.86 -7.66 6.08
N SER A 134 -3.44 -8.26 4.99
CA SER A 134 -2.21 -7.87 4.31
CA SER A 134 -2.22 -7.85 4.32
C SER A 134 -2.55 -7.14 3.02
N ILE A 135 -1.84 -6.05 2.73
CA ILE A 135 -2.08 -5.37 1.45
C ILE A 135 -1.17 -5.88 0.33
N GLY A 136 -0.30 -6.82 0.65
CA GLY A 136 0.61 -7.35 -0.35
C GLY A 136 1.77 -8.11 0.24
N ASP A 137 2.47 -8.85 -0.62
CA ASP A 137 3.52 -9.76 -0.15
C ASP A 137 4.88 -9.12 -0.08
N TYR A 138 5.01 -8.19 0.85
CA TYR A 138 6.27 -7.53 1.14
C TYR A 138 6.20 -7.13 2.60
N VAL A 139 7.31 -6.67 3.14
CA VAL A 139 7.36 -6.29 4.56
C VAL A 139 7.67 -4.81 4.68
N LEU A 140 6.90 -4.11 5.50
CA LEU A 140 7.17 -2.71 5.83
C LEU A 140 7.62 -2.61 7.28
N ASN A 141 8.01 -1.42 7.73
CA ASN A 141 8.42 -1.27 9.12
C ASN A 141 7.23 -1.16 10.07
N GLY A 142 6.12 -0.67 9.54
CA GLY A 142 4.94 -0.43 10.36
C GLY A 142 3.71 -0.43 9.51
N GLY A 143 2.55 -0.40 10.15
CA GLY A 143 1.27 -0.47 9.43
C GLY A 143 0.77 0.83 8.82
N GLU A 144 1.50 1.93 9.04
CA GLU A 144 0.97 3.23 8.60
C GLU A 144 0.78 3.33 7.08
N ALA A 145 1.76 2.88 6.30
CA ALA A 145 1.62 2.96 4.83
C ALA A 145 0.46 2.09 4.38
N ALA A 146 0.31 0.93 5.00
CA ALA A 146 -0.82 0.05 4.67
C ALA A 146 -2.14 0.72 5.03
N ALA A 147 -2.18 1.45 6.15
CA ALA A 147 -3.41 2.15 6.54
C ALA A 147 -3.80 3.16 5.48
N LEU A 148 -2.83 3.90 4.96
CA LEU A 148 -3.08 4.84 3.86
C LEU A 148 -3.72 4.16 2.64
N VAL A 149 -3.16 3.01 2.27
CA VAL A 149 -3.67 2.27 1.11
C VAL A 149 -5.10 1.83 1.36
N ILE A 150 -5.32 1.26 2.54
CA ILE A 150 -6.67 0.78 2.91
C ILE A 150 -7.68 1.94 2.92
N ILE A 151 -7.29 3.04 3.55
CA ILE A 151 -8.20 4.18 3.66
C ILE A 151 -8.56 4.69 2.27
N GLU A 152 -7.56 4.87 1.42
CA GLU A 152 -7.83 5.36 0.08
C GLU A 152 -8.68 4.38 -0.74
N ALA A 153 -8.35 3.09 -0.67
CA ALA A 153 -9.11 2.09 -1.43
C ALA A 153 -10.58 1.99 -0.98
N VAL A 154 -10.82 2.15 0.33
CA VAL A 154 -12.18 2.06 0.83
C VAL A 154 -12.96 3.35 0.55
N LEU A 155 -12.36 4.50 0.88
CA LEU A 155 -13.10 5.76 0.79
C LEU A 155 -13.44 6.17 -0.65
N ARG A 156 -12.62 5.75 -1.61
CA ARG A 156 -12.94 6.12 -2.99
C ARG A 156 -14.19 5.36 -3.49
N LEU A 157 -14.65 4.38 -2.70
CA LEU A 157 -15.87 3.64 -3.02
C LEU A 157 -17.09 4.18 -2.28
N VAL A 158 -16.87 5.12 -1.36
CA VAL A 158 -17.97 5.74 -0.64
C VAL A 158 -18.43 6.96 -1.45
N PRO A 159 -19.66 6.90 -1.95
CA PRO A 159 -20.19 7.91 -2.86
C PRO A 159 -19.92 9.36 -2.40
N GLY A 160 -19.09 10.07 -3.16
CA GLY A 160 -18.86 11.49 -2.97
C GLY A 160 -17.76 11.90 -2.02
N VAL A 161 -16.98 10.94 -1.55
CA VAL A 161 -15.96 11.25 -0.55
C VAL A 161 -14.67 11.78 -1.16
N LEU A 162 -14.09 11.06 -2.11
CA LEU A 162 -12.85 11.51 -2.74
C LEU A 162 -13.09 12.14 -4.11
N SER A 179 -11.33 -11.58 -13.59
CA SER A 179 -11.05 -10.28 -14.17
C SER A 179 -9.73 -10.31 -14.96
N LEU A 180 -9.54 -9.26 -15.75
CA LEU A 180 -8.34 -9.12 -16.57
C LEU A 180 -7.71 -7.76 -16.29
N LEU A 181 -6.45 -7.59 -16.65
CA LEU A 181 -5.77 -6.32 -16.50
C LEU A 181 -6.23 -5.31 -17.56
N GLU A 182 -6.26 -4.03 -17.21
CA GLU A 182 -6.57 -2.98 -18.17
C GLU A 182 -5.43 -2.82 -19.17
N GLY A 183 -5.78 -2.62 -20.44
CA GLY A 183 -4.79 -2.43 -21.49
C GLY A 183 -4.31 -0.99 -21.55
N PRO A 184 -3.49 -0.66 -22.55
CA PRO A 184 -2.95 0.70 -22.68
C PRO A 184 -4.01 1.76 -23.03
N SER A 185 -3.78 2.98 -22.61
CA SER A 185 -4.65 4.11 -22.95
CA SER A 185 -4.65 4.09 -22.99
C SER A 185 -3.83 5.19 -23.64
N TYR A 186 -4.49 6.00 -24.46
CA TYR A 186 -3.82 7.02 -25.23
C TYR A 186 -4.66 8.28 -25.20
N THR A 187 -4.00 9.43 -25.27
CA THR A 187 -4.73 10.67 -25.46
C THR A 187 -3.92 11.56 -26.39
N ARG A 188 -4.35 12.81 -26.56
CA ARG A 188 -3.65 13.75 -27.43
C ARG A 188 -2.21 13.96 -27.00
N PRO A 189 -1.29 14.21 -27.95
CA PRO A 189 -1.48 14.36 -29.40
C PRO A 189 -1.46 13.02 -30.14
N PRO A 190 -2.03 12.98 -31.36
CA PRO A 190 -2.09 11.73 -32.13
C PRO A 190 -0.73 11.15 -32.48
N SER A 191 0.28 12.00 -32.61
CA SER A 191 1.65 11.53 -32.83
C SER A 191 2.59 12.20 -31.83
N TRP A 192 3.45 11.42 -31.18
CA TRP A 192 4.36 11.96 -30.16
C TRP A 192 5.65 11.16 -30.10
N ARG A 193 6.78 11.85 -30.27
CA ARG A 193 8.12 11.25 -30.32
C ARG A 193 8.17 9.98 -31.17
N GLY A 194 7.64 10.07 -32.38
CA GLY A 194 7.70 8.99 -33.35
C GLY A 194 6.69 7.89 -33.11
N MET A 195 5.82 8.07 -32.13
CA MET A 195 4.83 7.05 -31.80
C MET A 195 3.40 7.55 -32.03
N ASP A 196 2.70 6.82 -32.89
CA ASP A 196 1.30 7.12 -33.21
C ASP A 196 0.33 6.36 -32.30
N VAL A 197 -0.79 6.99 -32.01
CA VAL A 197 -1.90 6.28 -31.37
C VAL A 197 -2.39 5.20 -32.33
N PRO A 198 -2.61 3.96 -31.82
CA PRO A 198 -3.13 2.86 -32.66
C PRO A 198 -4.35 3.30 -33.47
N PRO A 199 -4.25 3.21 -34.81
CA PRO A 199 -5.26 3.77 -35.71
C PRO A 199 -6.65 3.23 -35.43
N VAL A 200 -6.77 2.00 -34.95
CA VAL A 200 -8.10 1.46 -34.61
C VAL A 200 -8.88 2.38 -33.64
N LEU A 201 -8.18 3.07 -32.76
CA LEU A 201 -8.86 3.88 -31.75
C LEU A 201 -9.50 5.13 -32.35
N LEU A 202 -9.03 5.51 -33.53
CA LEU A 202 -9.57 6.68 -34.22
C LEU A 202 -10.52 6.27 -35.35
N SER A 203 -10.91 5.00 -35.39
CA SER A 203 -11.66 4.44 -36.51
C SER A 203 -13.17 4.70 -36.46
N GLY A 204 -13.71 5.00 -35.29
CA GLY A 204 -15.15 5.13 -35.15
C GLY A 204 -15.89 3.80 -35.25
N ASP A 205 -15.15 2.70 -35.25
CA ASP A 205 -15.79 1.37 -35.22
C ASP A 205 -15.74 0.85 -33.79
N HIS A 206 -16.79 1.12 -33.01
CA HIS A 206 -16.68 0.88 -31.58
C HIS A 206 -16.75 -0.58 -31.19
N ALA A 207 -17.35 -1.43 -32.03
CA ALA A 207 -17.27 -2.86 -31.76
C ALA A 207 -15.83 -3.36 -31.93
N LYS A 208 -15.18 -2.92 -32.99
CA LYS A 208 -13.79 -3.31 -33.26
C LYS A 208 -12.82 -2.76 -32.18
N ILE A 209 -13.06 -1.55 -31.72
CA ILE A 209 -12.26 -0.95 -30.64
C ILE A 209 -12.37 -1.78 -29.37
N ALA A 210 -13.59 -2.17 -29.02
CA ALA A 210 -13.78 -3.02 -27.85
C ALA A 210 -13.03 -4.35 -27.97
N ALA A 211 -13.08 -4.96 -29.15
CA ALA A 211 -12.38 -6.23 -29.35
C ALA A 211 -10.86 -6.05 -29.28
N TRP A 212 -10.36 -4.97 -29.86
CA TRP A 212 -8.92 -4.66 -29.78
C TRP A 212 -8.48 -4.49 -28.32
N ARG A 213 -9.24 -3.72 -27.54
CA ARG A 213 -8.94 -3.53 -26.14
C ARG A 213 -9.00 -4.82 -25.34
N ALA A 214 -9.98 -5.68 -25.65
CA ALA A 214 -10.06 -7.01 -25.03
C ALA A 214 -8.82 -7.83 -25.31
N GLU A 215 -8.35 -7.81 -26.55
CA GLU A 215 -7.17 -8.60 -26.88
C GLU A 215 -5.93 -8.02 -26.18
N GLN A 216 -5.84 -6.70 -26.13
CA GLN A 216 -4.74 -6.05 -25.40
C GLN A 216 -4.73 -6.48 -23.92
N SER A 217 -5.92 -6.53 -23.34
CA SER A 217 -6.09 -6.94 -21.95
CA SER A 217 -6.07 -6.94 -21.95
C SER A 217 -5.64 -8.39 -21.74
N ARG A 218 -6.05 -9.26 -22.66
CA ARG A 218 -5.66 -10.67 -22.63
C ARG A 218 -4.14 -10.81 -22.69
N GLN A 219 -3.51 -10.15 -23.67
CA GLN A 219 -2.06 -10.26 -23.83
C GLN A 219 -1.32 -9.75 -22.59
N ARG A 220 -1.78 -8.63 -22.05
CA ARG A 220 -1.11 -8.04 -20.89
C ARG A 220 -1.24 -8.93 -19.68
N THR A 221 -2.41 -9.53 -19.51
CA THR A 221 -2.65 -10.40 -18.37
C THR A 221 -1.80 -11.67 -18.45
N ILE A 222 -1.70 -12.25 -19.64
CA ILE A 222 -0.84 -13.41 -19.87
C ILE A 222 0.62 -13.08 -19.53
N GLU A 223 1.08 -11.93 -20.02
CA GLU A 223 2.44 -11.49 -19.78
C GLU A 223 2.73 -11.15 -18.32
N ARG A 224 1.82 -10.45 -17.67
CA ARG A 224 2.15 -9.87 -16.37
C ARG A 224 1.55 -10.59 -15.15
N ARG A 225 0.38 -11.20 -15.34
CA ARG A 225 -0.35 -11.82 -14.24
C ARG A 225 -0.97 -13.15 -14.66
N PRO A 226 -0.14 -14.12 -15.04
CA PRO A 226 -0.74 -15.39 -15.49
C PRO A 226 -1.56 -16.06 -14.38
N ASP A 227 -1.29 -15.69 -13.14
CA ASP A 227 -2.05 -16.21 -11.99
C ASP A 227 -3.54 -15.89 -12.08
N LEU A 228 -3.89 -14.82 -12.78
CA LEU A 228 -5.30 -14.42 -12.88
C LEU A 228 -6.08 -15.32 -13.83
N LEU A 229 -5.39 -16.23 -14.49
CA LEU A 229 -6.03 -17.15 -15.42
C LEU A 229 -6.00 -18.57 -14.86
N SER B 2 24.27 3.84 -0.82
CA SER B 2 23.65 5.13 -1.10
C SER B 2 22.69 5.03 -2.29
N MET B 3 21.54 5.70 -2.18
CA MET B 3 20.51 5.63 -3.21
C MET B 3 19.78 6.96 -3.32
N LYS B 4 19.40 7.32 -4.54
CA LYS B 4 18.58 8.53 -4.78
C LYS B 4 17.19 8.11 -5.23
N ILE B 5 16.15 8.72 -4.66
CA ILE B 5 14.78 8.43 -5.09
C ILE B 5 14.08 9.72 -5.45
N ASP B 6 13.61 9.81 -6.69
CA ASP B 6 12.78 10.96 -7.10
C ASP B 6 11.35 10.49 -7.30
N VAL B 7 10.39 11.21 -6.73
CA VAL B 7 8.99 10.90 -6.98
C VAL B 7 8.38 12.05 -7.77
N VAL B 8 7.65 11.71 -8.82
CA VAL B 8 7.02 12.74 -9.65
C VAL B 8 5.51 12.62 -9.57
N THR B 9 4.82 13.69 -9.19
CA THR B 9 3.39 13.60 -8.87
C THR B 9 2.73 14.96 -9.10
N ILE B 10 1.42 14.95 -9.33
CA ILE B 10 0.68 16.22 -9.36
C ILE B 10 0.18 16.59 -7.95
N PHE B 11 0.41 15.72 -6.98
CA PHE B 11 0.08 16.00 -5.58
C PHE B 11 1.27 15.83 -4.66
N PRO B 12 2.30 16.68 -4.81
CA PRO B 12 3.52 16.52 -4.00
C PRO B 12 3.27 16.62 -2.48
N GLU B 13 2.21 17.28 -2.05
CA GLU B 13 1.91 17.40 -0.61
C GLU B 13 1.57 16.05 0.05
N TYR B 14 1.04 15.12 -0.73
CA TYR B 14 0.70 13.79 -0.23
C TYR B 14 1.97 12.98 0.10
N LEU B 15 3.13 13.43 -0.38
CA LEU B 15 4.40 12.70 -0.18
C LEU B 15 5.21 13.16 1.03
N GLN B 16 4.67 14.10 1.81
CA GLN B 16 5.31 14.52 3.06
C GLN B 16 5.55 13.39 4.10
N PRO B 17 4.70 12.33 4.14
CA PRO B 17 5.00 11.27 5.12
C PRO B 17 6.32 10.52 4.92
N VAL B 18 7.12 10.85 3.91
CA VAL B 18 8.41 10.19 3.72
C VAL B 18 9.37 10.53 4.86
N ARG B 19 9.10 11.64 5.55
CA ARG B 19 10.01 12.15 6.57
C ARG B 19 9.61 11.76 7.99
N GLN B 20 9.14 10.53 8.19
CA GLN B 20 8.67 10.09 9.50
C GLN B 20 9.47 8.92 10.08
N SER B 21 9.18 7.71 9.61
CA SER B 21 9.80 6.51 10.16
C SER B 21 10.82 5.88 9.21
N LEU B 22 10.75 6.27 7.93
CA LEU B 22 11.74 5.86 6.95
C LEU B 22 13.18 6.34 7.24
N PRO B 23 13.39 7.65 7.53
CA PRO B 23 14.76 8.20 7.65
C PRO B 23 15.73 7.42 8.52
N ILE B 27 17.29 8.78 5.58
CA ILE B 27 17.44 10.15 5.00
C ILE B 27 18.32 10.95 5.93
N ASP B 28 17.84 11.13 7.17
CA ASP B 28 18.61 11.82 8.19
C ASP B 28 19.97 11.17 8.42
N ALA B 29 20.09 9.90 8.05
CA ALA B 29 21.35 9.18 8.19
C ALA B 29 22.20 9.33 6.93
N GLY B 30 21.64 9.93 5.90
CA GLY B 30 22.38 10.23 4.68
C GLY B 30 22.67 9.03 3.78
N LEU B 31 21.99 7.92 4.03
CA LEU B 31 22.16 6.72 3.21
C LEU B 31 21.29 6.78 1.96
N VAL B 32 20.31 7.68 1.98
CA VAL B 32 19.40 7.84 0.85
C VAL B 32 18.85 9.27 0.80
N ASP B 33 18.69 9.79 -0.41
CA ASP B 33 18.04 11.08 -0.60
C ASP B 33 16.73 10.86 -1.33
N VAL B 34 15.67 11.50 -0.86
CA VAL B 34 14.39 11.41 -1.53
C VAL B 34 13.91 12.80 -1.91
N ALA B 35 13.59 13.02 -3.18
CA ALA B 35 13.10 14.31 -3.63
C ALA B 35 11.73 14.16 -4.28
N VAL B 36 10.83 15.11 -4.02
CA VAL B 36 9.49 15.06 -4.61
C VAL B 36 9.28 16.23 -5.57
N HIS B 37 8.84 15.90 -6.79
CA HIS B 37 8.70 16.89 -7.86
C HIS B 37 7.26 17.05 -8.29
N ASP B 38 6.81 18.29 -8.37
CA ASP B 38 5.49 18.63 -8.89
C ASP B 38 5.49 18.56 -10.42
N LEU B 39 4.71 17.62 -10.98
CA LEU B 39 4.66 17.43 -12.43
C LEU B 39 4.25 18.72 -13.18
N ARG B 40 3.42 19.55 -12.56
CA ARG B 40 2.92 20.76 -13.22
C ARG B 40 4.02 21.79 -13.49
N ARG B 41 5.19 21.62 -12.87
CA ARG B 41 6.37 22.42 -13.17
C ARG B 41 6.84 22.29 -14.62
N TRP B 42 6.40 21.24 -15.32
CA TRP B 42 6.83 21.03 -16.69
C TRP B 42 5.75 21.34 -17.72
N THR B 43 4.66 21.99 -17.28
CA THR B 43 3.64 22.42 -18.22
C THR B 43 3.99 23.79 -18.79
N HIS B 44 3.46 24.09 -19.97
CA HIS B 44 3.67 25.40 -20.59
C HIS B 44 2.36 26.20 -20.67
N ASP B 45 1.24 25.51 -20.44
CA ASP B 45 -0.07 26.14 -20.50
C ASP B 45 -0.30 27.05 -19.29
N VAL B 46 -1.19 28.03 -19.44
CA VAL B 46 -1.56 28.90 -18.34
C VAL B 46 -2.56 28.19 -17.43
N HIS B 47 -3.16 27.12 -17.95
CA HIS B 47 -4.10 26.31 -17.18
C HIS B 47 -3.41 25.08 -16.60
N LYS B 48 -2.25 24.75 -17.15
CA LYS B 48 -1.46 23.58 -16.74
C LYS B 48 -2.24 22.28 -16.86
N SER B 49 -2.89 22.06 -18.00
CA SER B 49 -3.73 20.88 -18.22
C SER B 49 -2.93 19.62 -18.50
N VAL B 50 -2.89 18.71 -17.53
CA VAL B 50 -2.07 17.51 -17.66
C VAL B 50 -2.83 16.32 -18.23
N ASP B 51 -4.14 16.44 -18.44
CA ASP B 51 -4.95 15.29 -18.85
C ASP B 51 -5.99 15.61 -19.93
N ASP B 52 -6.46 14.57 -20.61
CA ASP B 52 -7.51 14.75 -21.62
C ASP B 52 -8.25 13.45 -21.81
N SER B 53 -9.31 13.51 -22.61
CA SER B 53 -10.14 12.34 -22.85
C SER B 53 -9.38 11.29 -23.65
N PRO B 54 -9.67 10.01 -23.39
CA PRO B 54 -8.97 8.92 -24.07
C PRO B 54 -9.40 8.72 -25.53
N TYR B 55 -8.44 8.52 -26.41
CA TYR B 55 -8.75 8.08 -27.77
C TYR B 55 -9.49 6.77 -27.72
N GLY B 56 -10.50 6.62 -28.57
CA GLY B 56 -11.25 5.37 -28.60
C GLY B 56 -12.38 5.34 -27.60
N GLY B 57 -12.45 6.34 -26.74
CA GLY B 57 -13.58 6.49 -25.83
C GLY B 57 -13.33 5.83 -24.50
N GLY B 58 -14.27 6.00 -23.59
CA GLY B 58 -14.14 5.42 -22.27
C GLY B 58 -14.35 6.49 -21.23
N PRO B 59 -14.53 6.08 -19.96
CA PRO B 59 -14.74 7.03 -18.87
C PRO B 59 -13.43 7.66 -18.44
N GLY B 60 -13.48 8.88 -17.91
CA GLY B 60 -12.32 9.45 -17.26
C GLY B 60 -11.33 10.12 -18.19
N MET B 61 -10.16 10.46 -17.63
CA MET B 61 -9.15 11.21 -18.33
C MET B 61 -7.84 10.46 -18.29
N VAL B 62 -7.00 10.72 -19.28
CA VAL B 62 -5.68 10.10 -19.39
C VAL B 62 -4.63 11.19 -19.32
N MET B 63 -3.54 10.93 -18.59
CA MET B 63 -2.49 11.96 -18.50
C MET B 63 -1.74 12.06 -19.83
N LYS B 64 -1.56 13.30 -20.30
CA LYS B 64 -0.91 13.57 -21.58
C LYS B 64 0.57 13.17 -21.55
N PRO B 65 1.07 12.63 -22.67
CA PRO B 65 2.48 12.20 -22.70
C PRO B 65 3.48 13.37 -22.70
N THR B 66 3.06 14.50 -23.26
CA THR B 66 3.95 15.66 -23.39
C THR B 66 4.55 16.12 -22.06
N VAL B 67 3.72 16.33 -21.05
CA VAL B 67 4.19 16.79 -19.75
C VAL B 67 5.11 15.76 -19.09
N TRP B 68 4.75 14.49 -19.18
CA TRP B 68 5.58 13.44 -18.56
C TRP B 68 6.93 13.34 -19.25
N GLY B 69 6.92 13.40 -20.57
CA GLY B 69 8.14 13.32 -21.35
C GLY B 69 9.16 14.37 -20.96
N ASP B 70 8.71 15.61 -20.83
CA ASP B 70 9.60 16.70 -20.42
C ASP B 70 10.14 16.49 -19.00
N ALA B 71 9.26 16.12 -18.08
CA ALA B 71 9.66 15.85 -16.70
C ALA B 71 10.72 14.75 -16.63
N LEU B 72 10.47 13.62 -17.30
CA LEU B 72 11.37 12.47 -17.23
C LEU B 72 12.69 12.72 -17.95
N ASP B 73 12.65 13.54 -18.99
CA ASP B 73 13.87 13.94 -19.69
C ASP B 73 14.86 14.59 -18.73
N GLU B 74 14.33 15.41 -17.83
CA GLU B 74 15.15 16.19 -16.91
C GLU B 74 15.63 15.37 -15.70
N ILE B 75 14.73 14.52 -15.21
CA ILE B 75 14.96 13.77 -13.98
C ILE B 75 15.72 12.44 -14.18
N CYS B 76 15.43 11.74 -15.26
CA CYS B 76 16.02 10.41 -15.50
C CYS B 76 17.31 10.42 -16.29
N THR B 77 18.15 9.42 -16.03
CA THR B 77 19.31 9.12 -16.86
C THR B 77 19.20 7.68 -17.37
N SER B 78 20.16 7.24 -18.17
CA SER B 78 20.10 5.87 -18.70
C SER B 78 20.25 4.82 -17.60
N GLU B 79 20.76 5.22 -16.45
CA GLU B 79 20.98 4.28 -15.34
C GLU B 79 19.74 4.20 -14.42
N THR B 80 18.79 5.08 -14.66
CA THR B 80 17.60 5.19 -13.81
C THR B 80 16.72 3.97 -13.91
N LEU B 81 16.20 3.52 -12.78
CA LEU B 81 15.09 2.58 -12.80
C LEU B 81 13.80 3.37 -12.66
N LEU B 82 13.04 3.41 -13.74
CA LEU B 82 11.76 4.10 -13.72
C LEU B 82 10.68 3.17 -13.24
N VAL B 83 10.10 3.49 -12.08
CA VAL B 83 9.05 2.69 -11.46
C VAL B 83 7.71 3.36 -11.66
N VAL B 84 6.74 2.60 -12.18
CA VAL B 84 5.42 3.15 -12.43
C VAL B 84 4.37 2.29 -11.73
N PRO B 85 3.86 2.74 -10.58
CA PRO B 85 2.79 1.99 -9.91
C PRO B 85 1.52 1.96 -10.75
N THR B 86 0.92 0.78 -10.89
CA THR B 86 -0.31 0.64 -11.66
C THR B 86 -0.96 -0.69 -11.31
N PRO B 87 -2.30 -0.71 -11.21
CA PRO B 87 -2.98 -1.99 -10.95
C PRO B 87 -2.76 -3.00 -12.07
N ALA B 88 -2.28 -2.54 -13.23
CA ALA B 88 -1.99 -3.46 -14.33
C ALA B 88 -0.52 -3.85 -14.43
N GLY B 89 0.23 -3.66 -13.34
CA GLY B 89 1.66 -3.89 -13.39
C GLY B 89 2.03 -5.33 -13.05
N TYR B 90 3.29 -5.68 -13.27
CA TYR B 90 3.86 -6.88 -12.66
C TYR B 90 3.77 -6.77 -11.12
N PRO B 91 3.57 -7.89 -10.41
CA PRO B 91 3.47 -7.80 -8.94
C PRO B 91 4.77 -7.31 -8.29
N PHE B 92 4.66 -6.32 -7.42
CA PHE B 92 5.76 -5.91 -6.56
C PHE B 92 5.71 -6.78 -5.30
N THR B 93 6.77 -7.57 -5.09
CA THR B 93 6.86 -8.46 -3.93
C THR B 93 8.16 -8.22 -3.16
N GLN B 94 8.37 -8.99 -2.08
CA GLN B 94 9.59 -8.85 -1.29
C GLN B 94 10.83 -9.10 -2.14
N GLU B 95 10.72 -10.04 -3.08
CA GLU B 95 11.80 -10.31 -4.02
C GLU B 95 12.16 -9.05 -4.83
N THR B 96 11.14 -8.34 -5.30
CA THR B 96 11.35 -7.07 -6.01
C THR B 96 12.05 -6.04 -5.12
N ALA B 97 11.63 -5.98 -3.86
CA ALA B 97 12.20 -5.01 -2.93
C ALA B 97 13.68 -5.28 -2.75
N TRP B 98 14.04 -6.55 -2.58
CA TRP B 98 15.46 -6.92 -2.52
C TRP B 98 16.19 -6.51 -3.79
N GLN B 99 15.58 -6.76 -4.93
CA GLN B 99 16.24 -6.44 -6.19
C GLN B 99 16.50 -4.94 -6.29
N TRP B 100 15.52 -4.13 -5.93
CA TRP B 100 15.65 -2.68 -6.11
C TRP B 100 16.51 -2.04 -5.02
N SER B 101 16.75 -2.76 -3.92
CA SER B 101 17.49 -2.20 -2.79
C SER B 101 18.96 -1.89 -3.14
N THR B 102 19.47 -2.45 -4.23
CA THR B 102 20.84 -2.17 -4.63
C THR B 102 20.95 -1.21 -5.81
N GLU B 103 19.85 -0.56 -6.17
CA GLU B 103 19.83 0.43 -7.25
C GLU B 103 20.37 1.79 -6.80
N ASP B 104 21.02 2.50 -7.71
CA ASP B 104 21.54 3.84 -7.44
C ASP B 104 20.46 4.93 -7.51
N HIS B 105 19.51 4.74 -8.41
CA HIS B 105 18.54 5.79 -8.73
C HIS B 105 17.18 5.24 -9.15
N LEU B 106 16.18 5.42 -8.29
CA LEU B 106 14.81 5.08 -8.59
C LEU B 106 14.02 6.34 -8.88
N VAL B 107 13.29 6.35 -9.98
CA VAL B 107 12.32 7.42 -10.17
C VAL B 107 10.92 6.82 -10.18
N ILE B 108 10.05 7.36 -9.33
CA ILE B 108 8.69 6.83 -9.23
C ILE B 108 7.70 7.80 -9.82
N ALA B 109 7.04 7.38 -10.89
CA ALA B 109 6.09 8.24 -11.58
C ALA B 109 4.68 7.89 -11.12
N CYS B 110 4.02 8.82 -10.45
CA CYS B 110 2.69 8.56 -9.90
C CYS B 110 1.59 9.04 -10.85
N GLY B 111 0.80 8.10 -11.35
CA GLY B 111 -0.31 8.42 -12.21
C GLY B 111 -1.54 8.84 -11.43
N ARG B 112 -2.51 9.40 -12.13
CA ARG B 112 -3.80 9.80 -11.57
C ARG B 112 -4.87 9.49 -12.61
N TYR B 113 -6.12 9.81 -12.28
CA TYR B 113 -7.26 9.59 -13.17
C TYR B 113 -7.23 8.16 -13.70
N GLU B 114 -7.38 7.99 -15.01
CA GLU B 114 -7.46 6.63 -15.54
C GLU B 114 -6.14 6.17 -16.13
N GLY B 115 -5.07 6.89 -15.83
CA GLY B 115 -3.76 6.43 -16.21
C GLY B 115 -2.93 7.41 -17.01
N ILE B 116 -1.73 6.97 -17.36
CA ILE B 116 -0.78 7.73 -18.16
C ILE B 116 -0.76 7.18 -19.58
N ASP B 117 -0.70 8.05 -20.57
CA ASP B 117 -0.56 7.64 -21.97
C ASP B 117 0.55 6.59 -22.11
N GLN B 118 0.23 5.46 -22.72
CA GLN B 118 1.17 4.34 -22.86
C GLN B 118 2.52 4.73 -23.48
N ARG B 119 2.51 5.75 -24.32
CA ARG B 119 3.73 6.12 -25.02
C ARG B 119 4.80 6.67 -24.10
N VAL B 120 4.41 7.17 -22.93
CA VAL B 120 5.41 7.64 -21.96
C VAL B 120 6.36 6.50 -21.57
N ALA B 121 5.78 5.36 -21.19
CA ALA B 121 6.56 4.20 -20.82
C ALA B 121 7.34 3.63 -22.01
N ASP B 122 6.69 3.61 -23.18
CA ASP B 122 7.36 3.12 -24.38
C ASP B 122 8.58 3.97 -24.73
N ASP B 123 8.42 5.29 -24.66
CA ASP B 123 9.53 6.21 -24.94
C ASP B 123 10.63 6.08 -23.91
N ALA B 124 10.26 5.98 -22.64
CA ALA B 124 11.27 5.91 -21.58
C ALA B 124 12.09 4.62 -21.72
N ALA B 125 11.42 3.55 -22.12
CA ALA B 125 12.08 2.25 -22.25
C ALA B 125 13.13 2.22 -23.37
N THR B 126 13.09 3.19 -24.27
CA THR B 126 14.14 3.28 -25.29
C THR B 126 15.46 3.77 -24.69
N ARG B 127 15.43 4.32 -23.48
CA ARG B 127 16.68 4.86 -22.91
C ARG B 127 16.98 4.39 -21.50
N MET B 128 16.01 3.79 -20.82
CA MET B 128 16.26 3.33 -19.46
C MET B 128 15.40 2.10 -19.15
N ARG B 129 15.65 1.47 -18.01
CA ARG B 129 14.81 0.36 -17.59
C ARG B 129 13.50 0.85 -16.97
N VAL B 130 12.39 0.25 -17.37
CA VAL B 130 11.08 0.69 -16.89
C VAL B 130 10.38 -0.49 -16.25
N ARG B 131 9.80 -0.26 -15.07
CA ARG B 131 9.06 -1.30 -14.35
C ARG B 131 7.68 -0.83 -13.96
N GLU B 132 6.66 -1.33 -14.64
CA GLU B 132 5.29 -1.09 -14.22
C GLU B 132 4.91 -2.16 -13.20
N VAL B 133 4.49 -1.74 -12.00
CA VAL B 133 4.26 -2.70 -10.92
C VAL B 133 3.00 -2.42 -10.13
N SER B 134 2.36 -3.50 -9.71
CA SER B 134 1.21 -3.43 -8.81
CA SER B 134 1.22 -3.41 -8.81
C SER B 134 1.62 -3.80 -7.40
N ILE B 135 1.16 -3.04 -6.41
CA ILE B 135 1.45 -3.39 -5.02
C ILE B 135 0.33 -4.27 -4.42
N GLY B 136 -0.71 -4.53 -5.19
CA GLY B 136 -1.80 -5.34 -4.66
C GLY B 136 -3.05 -5.22 -5.50
N ASP B 137 -3.98 -6.14 -5.32
CA ASP B 137 -5.15 -6.20 -6.20
C ASP B 137 -6.31 -5.38 -5.67
N TYR B 138 -6.12 -4.07 -5.71
CA TYR B 138 -7.14 -3.12 -5.31
C TYR B 138 -6.88 -1.86 -6.11
N VAL B 139 -7.82 -0.94 -6.09
CA VAL B 139 -7.66 0.25 -6.91
C VAL B 139 -7.58 1.48 -6.03
N LEU B 140 -6.60 2.31 -6.32
CA LEU B 140 -6.44 3.58 -5.64
C LEU B 140 -6.74 4.71 -6.63
N ASN B 141 -6.82 5.94 -6.13
CA ASN B 141 -7.03 7.10 -7.01
C ASN B 141 -5.75 7.56 -7.70
N GLY B 142 -4.60 7.19 -7.14
CA GLY B 142 -3.35 7.68 -7.67
C GLY B 142 -2.17 6.87 -7.18
N GLY B 143 -1.01 7.09 -7.76
CA GLY B 143 0.18 6.29 -7.45
C GLY B 143 0.87 6.62 -6.13
N GLU B 144 0.50 7.75 -5.54
CA GLU B 144 1.24 8.30 -4.40
C GLU B 144 1.32 7.36 -3.19
N ALA B 145 0.21 6.76 -2.79
CA ALA B 145 0.24 5.82 -1.66
C ALA B 145 1.10 4.59 -2.01
N ALA B 146 1.01 4.13 -3.26
CA ALA B 146 1.82 3.00 -3.69
C ALA B 146 3.30 3.37 -3.67
N ALA B 147 3.62 4.61 -4.03
CA ALA B 147 5.00 5.09 -3.96
C ALA B 147 5.53 4.97 -2.54
N LEU B 148 4.73 5.36 -1.56
CA LEU B 148 5.14 5.30 -0.16
C LEU B 148 5.38 3.87 0.28
N VAL B 149 4.51 2.97 -0.15
CA VAL B 149 4.67 1.55 0.17
C VAL B 149 5.97 1.04 -0.44
N ILE B 150 6.21 1.36 -1.71
CA ILE B 150 7.42 0.88 -2.37
C ILE B 150 8.67 1.43 -1.70
N ILE B 151 8.65 2.72 -1.37
CA ILE B 151 9.78 3.34 -0.70
C ILE B 151 10.08 2.67 0.64
N GLU B 152 9.04 2.44 1.43
CA GLU B 152 9.22 1.79 2.74
C GLU B 152 9.80 0.38 2.59
N ALA B 153 9.24 -0.38 1.65
CA ALA B 153 9.65 -1.76 1.45
C ALA B 153 11.11 -1.85 1.00
N VAL B 154 11.53 -0.90 0.18
CA VAL B 154 12.88 -0.93 -0.39
C VAL B 154 13.91 -0.38 0.59
N LEU B 155 13.60 0.76 1.21
CA LEU B 155 14.59 1.43 2.06
C LEU B 155 15.00 0.62 3.27
N ARG B 156 14.10 -0.19 3.83
CA ARG B 156 14.50 -0.96 5.01
C ARG B 156 15.47 -2.10 4.66
N LEU B 157 15.71 -2.31 3.37
CA LEU B 157 16.62 -3.36 2.92
C LEU B 157 17.97 -2.81 2.44
N VAL B 158 18.06 -1.49 2.32
CA VAL B 158 19.28 -0.86 1.79
C VAL B 158 20.41 -1.06 2.77
N PRO B 159 21.57 -1.56 2.29
CA PRO B 159 22.70 -1.84 3.16
C PRO B 159 23.00 -0.65 4.05
N GLY B 160 22.97 -0.86 5.36
CA GLY B 160 23.21 0.23 6.28
C GLY B 160 21.96 0.66 7.02
N VAL B 161 20.86 -0.06 6.83
CA VAL B 161 19.61 0.24 7.53
C VAL B 161 19.23 -0.88 8.51
N SER B 179 7.30 -17.56 1.15
CA SER B 179 7.69 -18.44 2.24
C SER B 179 6.45 -18.88 3.03
N LEU B 180 6.38 -18.41 4.27
CA LEU B 180 5.27 -18.68 5.18
C LEU B 180 4.91 -17.42 5.95
N LEU B 181 3.78 -17.46 6.65
CA LEU B 181 3.37 -16.32 7.48
C LEU B 181 3.93 -16.44 8.88
N GLU B 182 4.32 -15.31 9.46
CA GLU B 182 4.78 -15.29 10.85
C GLU B 182 3.61 -15.62 11.78
N GLY B 183 3.88 -16.41 12.82
CA GLY B 183 2.88 -16.76 13.79
C GLY B 183 2.74 -15.67 14.85
N PRO B 184 1.98 -15.93 15.90
CA PRO B 184 1.69 -14.92 16.91
C PRO B 184 2.90 -14.62 17.80
N SER B 185 2.97 -13.38 18.28
CA SER B 185 4.01 -12.93 19.21
CA SER B 185 4.00 -12.96 19.21
C SER B 185 3.40 -12.49 20.54
N TYR B 186 4.18 -12.59 21.61
CA TYR B 186 3.69 -12.22 22.94
C TYR B 186 4.76 -11.49 23.74
N THR B 187 4.33 -10.63 24.65
CA THR B 187 5.28 -10.00 25.56
C THR B 187 4.62 -9.84 26.94
N ARG B 188 5.30 -9.20 27.88
CA ARG B 188 4.79 -9.09 29.25
C ARG B 188 3.51 -8.25 29.34
N PRO B 189 2.62 -8.55 30.32
CA PRO B 189 2.70 -9.58 31.37
C PRO B 189 2.28 -10.97 30.88
N PRO B 190 2.71 -12.03 31.59
CA PRO B 190 2.43 -13.40 31.14
C PRO B 190 0.95 -13.77 31.25
N SER B 191 0.19 -13.02 32.05
CA SER B 191 -1.27 -13.18 32.05
C SER B 191 -1.91 -11.79 31.93
N TRP B 192 -2.90 -11.67 31.06
CA TRP B 192 -3.55 -10.39 30.80
C TRP B 192 -5.02 -10.60 30.45
N ARG B 193 -5.89 -9.98 31.24
CA ARG B 193 -7.35 -10.13 31.10
C ARG B 193 -7.77 -11.60 31.11
N GLY B 194 -7.07 -12.39 31.91
CA GLY B 194 -7.35 -13.81 31.97
C GLY B 194 -6.85 -14.60 30.78
N MET B 195 -6.04 -13.96 29.92
CA MET B 195 -5.41 -14.65 28.79
C MET B 195 -3.92 -14.89 29.02
N ASP B 196 -3.52 -16.16 29.00
CA ASP B 196 -2.12 -16.51 29.28
C ASP B 196 -1.27 -16.62 28.01
N VAL B 197 -0.02 -16.22 28.13
CA VAL B 197 0.98 -16.53 27.10
C VAL B 197 1.12 -18.05 27.05
N PRO B 198 1.14 -18.65 25.84
CA PRO B 198 1.34 -20.11 25.73
C PRO B 198 2.55 -20.56 26.53
N PRO B 199 2.37 -21.53 27.42
CA PRO B 199 3.39 -21.96 28.39
C PRO B 199 4.73 -22.34 27.75
N VAL B 200 4.72 -22.90 26.54
CA VAL B 200 5.97 -23.29 25.89
C VAL B 200 6.90 -22.08 25.69
N LEU B 201 6.32 -20.89 25.53
CA LEU B 201 7.14 -19.69 25.31
C LEU B 201 7.84 -19.24 26.59
N LEU B 202 7.29 -19.65 27.72
CA LEU B 202 7.86 -19.30 29.02
C LEU B 202 8.88 -20.33 29.49
N SER B 203 9.03 -21.43 28.75
CA SER B 203 9.78 -22.58 29.21
C SER B 203 11.30 -22.51 28.96
N GLY B 204 11.72 -21.62 28.07
CA GLY B 204 13.14 -21.49 27.75
C GLY B 204 13.75 -22.63 26.95
N ASP B 205 12.91 -23.55 26.47
CA ASP B 205 13.36 -24.68 25.65
C ASP B 205 13.31 -24.29 24.17
N HIS B 206 14.47 -24.01 23.58
CA HIS B 206 14.53 -23.47 22.21
C HIS B 206 13.94 -24.42 21.17
N ALA B 207 14.19 -25.72 21.33
CA ALA B 207 13.68 -26.71 20.38
C ALA B 207 12.16 -26.79 20.41
N LYS B 208 11.59 -26.89 21.60
CA LYS B 208 10.14 -26.90 21.74
C LYS B 208 9.54 -25.57 21.27
N ILE B 209 10.21 -24.45 21.54
CA ILE B 209 9.73 -23.14 21.09
C ILE B 209 9.80 -22.98 19.56
N ALA B 210 10.92 -23.39 18.97
CA ALA B 210 11.05 -23.34 17.51
C ALA B 210 9.99 -24.20 16.83
N ALA B 211 9.72 -25.37 17.41
CA ALA B 211 8.72 -26.28 16.85
C ALA B 211 7.29 -25.74 16.98
N TRP B 212 6.98 -25.15 18.13
CA TRP B 212 5.65 -24.60 18.36
C TRP B 212 5.39 -23.45 17.38
N ARG B 213 6.38 -22.60 17.21
CA ARG B 213 6.31 -21.48 16.30
C ARG B 213 6.20 -21.96 14.85
N ALA B 214 6.88 -23.05 14.53
CA ALA B 214 6.77 -23.63 13.20
C ALA B 214 5.34 -24.08 12.95
N GLU B 215 4.76 -24.74 13.94
CA GLU B 215 3.40 -25.27 13.86
C GLU B 215 2.35 -24.15 13.78
N GLN B 216 2.60 -23.06 14.49
CA GLN B 216 1.68 -21.92 14.44
C GLN B 216 1.69 -21.28 13.06
N SER B 217 2.89 -21.09 12.51
CA SER B 217 3.07 -20.47 11.20
CA SER B 217 3.05 -20.47 11.21
C SER B 217 2.38 -21.30 10.11
N ARG B 218 2.60 -22.61 10.15
CA ARG B 218 1.99 -23.50 9.17
C ARG B 218 0.47 -23.45 9.25
N GLN B 219 -0.04 -23.44 10.47
CA GLN B 219 -1.47 -23.39 10.72
C GLN B 219 -2.07 -22.08 10.18
N ARG B 220 -1.37 -20.98 10.45
CA ARG B 220 -1.80 -19.67 10.01
C ARG B 220 -1.70 -19.52 8.49
N THR B 221 -0.65 -20.09 7.89
CA THR B 221 -0.47 -20.00 6.44
C THR B 221 -1.56 -20.78 5.71
N ILE B 222 -1.83 -22.01 6.17
CA ILE B 222 -2.94 -22.78 5.61
C ILE B 222 -4.27 -22.04 5.67
N GLU B 223 -4.58 -21.46 6.82
CA GLU B 223 -5.86 -20.79 7.00
C GLU B 223 -5.98 -19.51 6.17
N ARG B 224 -4.96 -18.68 6.21
CA ARG B 224 -5.03 -17.34 5.61
C ARG B 224 -4.45 -17.21 4.21
N ARG B 225 -3.41 -17.97 3.90
CA ARG B 225 -2.74 -17.87 2.59
C ARG B 225 -2.38 -19.22 2.02
N PRO B 226 -3.39 -20.06 1.75
CA PRO B 226 -3.11 -21.42 1.26
C PRO B 226 -2.29 -21.40 -0.04
N ASP B 227 -2.44 -20.34 -0.83
CA ASP B 227 -1.71 -20.20 -2.09
C ASP B 227 -0.18 -20.24 -1.90
N LEU B 228 0.29 -19.76 -0.75
CA LEU B 228 1.74 -19.74 -0.49
C LEU B 228 2.31 -21.14 -0.36
N LEU B 229 1.45 -22.09 0.00
CA LEU B 229 1.90 -23.49 0.16
C LEU B 229 1.46 -24.34 -1.02
N GLY B 230 0.97 -23.68 -2.06
CA GLY B 230 0.62 -24.33 -3.31
C GLY B 230 -0.76 -24.95 -3.29
N PHE B 231 -1.67 -24.40 -2.48
CA PHE B 231 -3.05 -24.87 -2.47
C PHE B 231 -3.99 -23.84 -3.08
N ASP B 232 -5.15 -24.31 -3.53
CA ASP B 232 -6.18 -23.42 -4.07
C ASP B 232 -6.59 -22.36 -3.06
N SER B 233 -6.82 -21.14 -3.56
CA SER B 233 -7.31 -20.04 -2.74
C SER B 233 -8.81 -20.18 -2.52
N PRO B 234 -9.32 -19.67 -1.39
CA PRO B 234 -10.74 -19.84 -1.05
C PRO B 234 -11.68 -19.14 -2.03
#